data_5K7K
#
_entry.id   5K7K
#
_cell.length_a   91.690
_cell.length_b   91.690
_cell.length_c   169.880
_cell.angle_alpha   90.00
_cell.angle_beta   90.00
_cell.angle_gamma   120.00
#
_symmetry.space_group_name_H-M   'H 3'
#
loop_
_entity.id
_entity.type
_entity.pdbx_description
1 polymer 'Cytochrome P450 2C9'
2 non-polymer 'PROTOPORPHYRIN IX CONTAINING FE'
3 non-polymer 4-[4-chloranyl-2-(1~{H}-pyrazol-4-yl)phenoxy]-3-cyano-~{N}-(1,3-thiazol-2-yl)benzenesulfonamide
4 water water
#
_entity_poly.entity_id   1
_entity_poly.type   'polypeptide(L)'
_entity_poly.pdbx_seq_one_letter_code
;MAKKTSSGRGKLPPGPTPLPVIGNILQIGIKDISKSLTNLSKVYGPVFTLYFGLKPIVVLHGYEAVKEALIDLGEEFSGR
GIFPLAERANRGFGIVFSNGKKWKEIRRFSLMTLRNFGMGKRSIEDRVQEEARCLVEELRKTKASPCDPTFILGCAPCNV
ICSIIFHKRFDYKDQQFLNLMEKLNENIKILSSPWIQICNNFSPIIDYFPGTHNKLLKNVAFMKSYILEKVKEHQESMDM
NNPQDFIDCFLMKMEKEKHNQPSEFTIESLENTAVDLFGAGTETTSTTLRYALLLLLKHPEVTAKVQEEIERVIGRNRSP
CMQDRSHMPYTDAVVHEVQRYIDLLPTSLPHAVTCDIKFRNYLIPKGTTILISLTSVLHDNKEFPNPEMFDPHHFLDEGG
NFKKSKYFMPFSAGKRICVGEALAGMELFLFLTSILQNFNLKSLVDPKNLDTTPVVNGFASVPPFYQLCFIPIHHHH
;
_entity_poly.pdbx_strand_id   A
#
loop_
_chem_comp.id
_chem_comp.type
_chem_comp.name
_chem_comp.formula
6RJ non-polymer 4-[4-chloranyl-2-(1~{H}-pyrazol-4-yl)phenoxy]-3-cyano-~{N}-(1,3-thiazol-2-yl)benzenesulfonamide 'C19 H12 Cl N5 O3 S2'
HEM non-polymer 'PROTOPORPHYRIN IX CONTAINING FE' 'C34 H32 Fe N4 O4'
#
# COMPACT_ATOMS: atom_id res chain seq x y z
N ARG A 9 -25.66 27.56 -1.64
CA ARG A 9 -25.00 26.97 -2.82
C ARG A 9 -24.54 25.55 -2.53
N GLY A 10 -23.85 25.36 -1.40
CA GLY A 10 -23.36 24.06 -0.95
C GLY A 10 -23.55 23.85 0.54
N LYS A 11 -24.50 22.97 0.89
CA LYS A 11 -24.78 22.66 2.29
C LYS A 11 -24.10 21.43 2.82
N LEU A 12 -23.01 21.66 3.50
CA LEU A 12 -22.18 20.60 4.06
C LEU A 12 -22.82 19.96 5.31
N PRO A 13 -22.60 18.64 5.58
CA PRO A 13 -23.20 18.01 6.79
C PRO A 13 -22.79 18.64 8.13
N PRO A 14 -23.54 18.43 9.25
CA PRO A 14 -23.14 19.08 10.52
C PRO A 14 -21.89 18.48 11.14
N GLY A 15 -21.16 19.29 11.88
CA GLY A 15 -19.93 18.89 12.56
C GLY A 15 -19.56 19.80 13.71
N PRO A 16 -18.39 19.58 14.37
CA PRO A 16 -18.02 20.46 15.50
C PRO A 16 -17.51 21.84 15.10
N THR A 17 -17.26 22.71 16.11
CA THR A 17 -16.75 24.07 15.95
C THR A 17 -15.30 24.00 15.38
N PRO A 18 -14.85 25.00 14.57
CA PRO A 18 -13.51 24.91 13.96
C PRO A 18 -12.34 24.94 14.94
N LEU A 19 -11.13 24.50 14.46
CA LEU A 19 -9.81 24.40 15.12
C LEU A 19 -9.37 22.97 15.57
N PRO A 20 -10.15 21.83 15.42
CA PRO A 20 -9.59 20.55 15.90
C PRO A 20 -8.67 19.88 14.91
N LEU A 26 0.74 13.88 23.82
CA LEU A 26 1.06 15.15 23.17
C LEU A 26 1.10 14.99 21.63
N GLN A 27 1.77 13.96 21.13
CA GLN A 27 1.85 13.68 19.70
C GLN A 27 0.59 12.96 19.15
N ILE A 28 0.04 13.43 18.04
CA ILE A 28 -1.18 12.88 17.46
C ILE A 28 -0.84 12.14 16.15
N GLY A 29 -0.78 10.81 16.25
CA GLY A 29 -0.53 9.90 15.14
C GLY A 29 -1.79 9.59 14.38
N ILE A 30 -1.67 8.83 13.30
CA ILE A 30 -2.81 8.49 12.46
C ILE A 30 -3.87 7.66 13.17
N LYS A 31 -3.47 6.82 14.10
CA LYS A 31 -4.43 6.05 14.86
C LYS A 31 -5.15 6.90 15.87
N ASP A 32 -4.51 7.94 16.37
CA ASP A 32 -5.13 8.91 17.28
C ASP A 32 -6.15 9.72 16.50
N ILE A 33 -5.82 10.11 15.28
CA ILE A 33 -6.74 10.77 14.36
C ILE A 33 -7.96 9.92 14.06
N SER A 34 -7.73 8.67 13.73
CA SER A 34 -8.80 7.72 13.43
C SER A 34 -9.75 7.48 14.61
N LYS A 35 -9.22 7.33 15.83
CA LYS A 35 -10.01 7.10 17.05
C LYS A 35 -10.92 8.33 17.34
N SER A 36 -10.38 9.55 17.13
CA SER A 36 -11.09 10.81 17.31
C SER A 36 -12.24 10.92 16.28
N LEU A 37 -12.00 10.43 15.04
CA LEU A 37 -13.00 10.42 13.97
C LEU A 37 -14.15 9.48 14.31
N THR A 38 -13.84 8.33 14.93
CA THR A 38 -14.81 7.33 15.40
C THR A 38 -15.64 7.93 16.55
N ASN A 39 -14.99 8.70 17.46
CA ASN A 39 -15.65 9.39 18.58
C ASN A 39 -16.66 10.42 18.06
N LEU A 40 -16.27 11.22 17.04
CA LEU A 40 -17.14 12.24 16.43
C LEU A 40 -18.33 11.64 15.67
N SER A 41 -18.18 10.41 15.13
CA SER A 41 -19.26 9.73 14.41
C SER A 41 -20.37 9.27 15.34
N LYS A 42 -20.05 9.01 16.62
CA LYS A 42 -21.01 8.62 17.65
C LYS A 42 -21.89 9.84 18.01
N VAL A 43 -21.29 11.06 17.89
CA VAL A 43 -21.92 12.36 18.15
C VAL A 43 -22.69 12.92 16.94
N TYR A 44 -22.12 12.83 15.73
CA TYR A 44 -22.71 13.43 14.53
C TYR A 44 -23.33 12.47 13.49
N GLY A 45 -23.05 11.17 13.61
CA GLY A 45 -23.58 10.19 12.67
C GLY A 45 -22.53 9.71 11.67
N PRO A 46 -22.93 9.04 10.56
CA PRO A 46 -21.92 8.52 9.63
C PRO A 46 -21.17 9.55 8.78
N VAL A 47 -21.83 10.67 8.42
CA VAL A 47 -21.26 11.73 7.59
C VAL A 47 -21.23 13.07 8.33
N PHE A 48 -20.02 13.64 8.49
CA PHE A 48 -19.83 14.91 9.19
C PHE A 48 -18.74 15.78 8.59
N THR A 49 -18.84 17.11 8.78
CA THR A 49 -17.85 18.08 8.31
C THR A 49 -16.95 18.52 9.46
N LEU A 50 -15.64 18.65 9.16
CA LEU A 50 -14.65 19.17 10.08
C LEU A 50 -14.41 20.49 9.37
N TYR A 51 -14.16 21.58 10.14
CA TYR A 51 -13.89 22.88 9.54
C TYR A 51 -12.55 23.19 10.20
N PHE A 52 -11.58 23.63 9.41
CA PHE A 52 -10.27 24.01 9.90
C PHE A 52 -10.14 25.51 9.59
N GLY A 53 -10.90 26.27 10.37
CA GLY A 53 -11.06 27.70 10.22
C GLY A 53 -12.14 27.91 9.18
N LEU A 54 -11.72 28.04 7.90
CA LEU A 54 -12.60 28.23 6.75
C LEU A 54 -12.55 27.02 5.80
N LYS A 55 -11.49 26.18 5.87
CA LYS A 55 -11.31 24.99 5.03
C LYS A 55 -12.11 23.76 5.54
N PRO A 56 -13.15 23.30 4.81
CA PRO A 56 -13.90 22.13 5.27
C PRO A 56 -13.34 20.77 4.80
N ILE A 57 -13.61 19.72 5.57
CA ILE A 57 -13.30 18.34 5.25
C ILE A 57 -14.49 17.47 5.64
N VAL A 58 -15.08 16.81 4.68
CA VAL A 58 -16.22 15.92 4.91
C VAL A 58 -15.67 14.50 5.17
N VAL A 59 -15.91 13.98 6.38
CA VAL A 59 -15.49 12.66 6.86
C VAL A 59 -16.60 11.65 6.57
N LEU A 60 -16.21 10.46 6.06
CA LEU A 60 -17.13 9.37 5.78
C LEU A 60 -16.76 8.19 6.69
N HIS A 61 -17.66 7.90 7.64
CA HIS A 61 -17.45 6.86 8.64
C HIS A 61 -18.47 5.74 8.46
N GLY A 62 -17.98 4.51 8.52
CA GLY A 62 -18.81 3.33 8.36
C GLY A 62 -18.93 2.89 6.90
N TYR A 63 -19.20 1.61 6.71
CA TYR A 63 -19.33 0.96 5.40
C TYR A 63 -20.37 1.58 4.49
N GLU A 64 -21.58 1.85 5.00
CA GLU A 64 -22.69 2.38 4.19
C GLU A 64 -22.36 3.69 3.51
N ALA A 65 -21.74 4.63 4.24
CA ALA A 65 -21.32 5.94 3.75
C ALA A 65 -20.16 5.83 2.74
N VAL A 66 -19.12 5.02 3.05
CA VAL A 66 -17.95 4.78 2.18
C VAL A 66 -18.42 4.14 0.87
N LYS A 67 -19.26 3.07 0.96
CA LYS A 67 -19.82 2.35 -0.19
C LYS A 67 -20.66 3.29 -1.08
N GLU A 68 -21.55 4.09 -0.45
CA GLU A 68 -22.43 5.03 -1.15
C GLU A 68 -21.66 6.09 -1.93
N ALA A 69 -20.55 6.59 -1.36
CA ALA A 69 -19.76 7.62 -2.00
C ALA A 69 -18.75 7.06 -3.02
N LEU A 70 -17.86 6.17 -2.56
CA LEU A 70 -16.76 5.61 -3.37
C LEU A 70 -17.21 4.66 -4.49
N ILE A 71 -18.19 3.82 -4.23
CA ILE A 71 -18.71 2.87 -5.21
C ILE A 71 -19.95 3.35 -5.97
N ASP A 72 -21.01 3.70 -5.25
CA ASP A 72 -22.27 4.17 -5.87
C ASP A 72 -22.14 5.49 -6.63
N LEU A 73 -21.26 6.39 -6.19
CA LEU A 73 -20.99 7.67 -6.88
C LEU A 73 -19.48 7.80 -7.19
N GLY A 74 -18.94 6.73 -7.82
CA GLY A 74 -17.54 6.55 -8.17
C GLY A 74 -16.82 7.69 -8.84
N GLU A 75 -17.36 8.18 -9.98
CA GLU A 75 -16.80 9.29 -10.75
C GLU A 75 -16.78 10.59 -9.91
N GLU A 76 -17.87 10.88 -9.19
CA GLU A 76 -18.03 12.08 -8.36
C GLU A 76 -17.04 12.13 -7.18
N PHE A 77 -16.62 10.96 -6.68
CA PHE A 77 -15.69 10.88 -5.55
C PHE A 77 -14.27 10.41 -5.93
N SER A 78 -13.94 10.38 -7.25
CA SER A 78 -12.64 9.95 -7.78
C SER A 78 -11.51 10.99 -7.70
N GLY A 79 -11.79 12.16 -7.11
CA GLY A 79 -10.79 13.22 -7.00
C GLY A 79 -9.80 12.94 -5.89
N ARG A 80 -8.62 13.57 -5.95
CA ARG A 80 -7.56 13.44 -4.98
C ARG A 80 -7.41 14.74 -4.21
N GLY A 81 -7.35 14.64 -2.89
CA GLY A 81 -7.16 15.76 -1.98
C GLY A 81 -5.71 16.18 -1.94
N ILE A 82 -5.54 17.42 -1.55
CA ILE A 82 -4.29 17.96 -1.14
C ILE A 82 -4.12 17.18 0.13
N PHE A 83 -2.97 16.55 0.28
CA PHE A 83 -2.78 15.64 1.40
C PHE A 83 -1.76 16.48 2.28
N PRO A 84 -0.42 16.65 2.02
CA PRO A 84 0.40 17.44 2.95
C PRO A 84 0.58 18.89 2.44
N LEU A 85 1.78 19.19 1.90
CA LEU A 85 2.12 20.47 1.31
C LEU A 85 2.44 20.21 -0.18
N ALA A 86 1.83 20.98 -1.08
CA ALA A 86 2.05 20.83 -2.52
C ALA A 86 3.48 21.27 -2.90
N GLU A 87 4.39 20.28 -3.00
CA GLU A 87 5.80 20.47 -3.36
C GLU A 87 5.93 21.00 -4.79
N ARG A 88 6.73 22.07 -4.98
CA ARG A 88 6.94 22.70 -6.30
C ARG A 88 7.70 21.81 -7.29
N ALA A 89 8.21 20.65 -6.83
CA ALA A 89 8.85 19.62 -7.65
C ALA A 89 7.74 18.97 -8.52
N ASN A 90 6.46 19.31 -8.20
CA ASN A 90 5.19 18.92 -8.84
C ASN A 90 4.85 17.44 -9.06
N ARG A 91 4.53 16.75 -7.95
CA ARG A 91 4.18 15.34 -7.98
C ARG A 91 2.79 14.97 -8.52
N GLY A 92 2.09 15.96 -9.08
CA GLY A 92 0.76 15.81 -9.67
C GLY A 92 0.76 15.41 -11.13
N PHE A 93 1.84 14.73 -11.58
CA PHE A 93 2.00 14.24 -12.95
C PHE A 93 2.02 12.69 -13.04
N GLY A 94 1.84 12.02 -11.90
CA GLY A 94 1.82 10.56 -11.82
C GLY A 94 0.42 9.99 -11.67
N ILE A 95 0.22 9.14 -10.66
CA ILE A 95 -1.07 8.53 -10.36
C ILE A 95 -1.57 9.05 -9.01
N VAL A 96 -0.77 8.79 -7.95
CA VAL A 96 -1.01 9.08 -6.54
C VAL A 96 -1.51 10.50 -6.30
N PHE A 97 -0.90 11.54 -6.89
CA PHE A 97 -1.32 12.93 -6.65
C PHE A 97 -1.95 13.64 -7.84
N SER A 98 -2.12 12.97 -8.98
CA SER A 98 -2.73 13.59 -10.17
C SER A 98 -4.25 13.61 -10.14
N ASN A 99 -4.85 14.49 -10.95
CA ASN A 99 -6.29 14.66 -11.05
C ASN A 99 -6.73 14.78 -12.50
N GLY A 100 -8.05 14.73 -12.71
CA GLY A 100 -8.68 14.91 -14.01
C GLY A 100 -8.29 13.90 -15.09
N LYS A 101 -8.29 14.37 -16.36
CA LYS A 101 -7.97 13.63 -17.59
C LYS A 101 -6.59 12.97 -17.53
N LYS A 102 -5.60 13.67 -16.94
CA LYS A 102 -4.23 13.20 -16.74
C LYS A 102 -4.24 11.94 -15.90
N TRP A 103 -4.98 11.95 -14.76
CA TRP A 103 -5.12 10.80 -13.86
C TRP A 103 -5.80 9.66 -14.59
N LYS A 104 -6.99 9.93 -15.19
CA LYS A 104 -7.81 8.95 -15.90
C LYS A 104 -7.01 8.15 -16.93
N GLU A 105 -6.19 8.81 -17.73
CA GLU A 105 -5.38 8.16 -18.73
C GLU A 105 -4.16 7.41 -18.20
N ILE A 106 -3.40 8.01 -17.32
CA ILE A 106 -2.24 7.36 -16.78
C ILE A 106 -2.59 6.20 -15.89
N ARG A 107 -3.68 6.31 -15.14
CA ARG A 107 -4.17 5.24 -14.27
C ARG A 107 -4.60 4.04 -15.11
N ARG A 108 -5.36 4.29 -16.20
CA ARG A 108 -5.84 3.25 -17.11
C ARG A 108 -4.61 2.53 -17.73
N PHE A 109 -3.67 3.31 -18.27
CA PHE A 109 -2.44 2.82 -18.88
C PHE A 109 -1.61 2.01 -17.86
N SER A 110 -1.46 2.52 -16.63
CA SER A 110 -0.66 1.85 -15.62
C SER A 110 -1.28 0.56 -15.14
N LEU A 111 -2.62 0.54 -14.99
CA LEU A 111 -3.36 -0.66 -14.58
C LEU A 111 -3.12 -1.83 -15.55
N MET A 112 -3.30 -1.59 -16.86
CA MET A 112 -3.17 -2.60 -17.90
C MET A 112 -1.72 -3.10 -18.07
N THR A 113 -0.73 -2.21 -17.91
CA THR A 113 0.70 -2.55 -17.92
C THR A 113 0.99 -3.52 -16.73
N LEU A 114 0.42 -3.22 -15.54
CA LEU A 114 0.51 -4.06 -14.33
C LEU A 114 -0.27 -5.39 -14.47
N ARG A 115 -1.15 -5.49 -15.49
CA ARG A 115 -1.96 -6.69 -15.80
C ARG A 115 -1.37 -7.44 -17.01
N ASN A 116 -0.05 -7.29 -17.23
CA ASN A 116 0.75 -7.91 -18.31
C ASN A 116 0.27 -7.58 -19.76
N PHE A 117 -0.06 -6.31 -20.04
CA PHE A 117 -0.46 -5.87 -21.40
C PHE A 117 0.57 -4.89 -21.96
N GLY A 118 1.26 -5.34 -23.01
CA GLY A 118 2.30 -4.56 -23.68
C GLY A 118 3.58 -4.45 -22.89
N MET A 119 3.93 -5.50 -22.11
CA MET A 119 5.12 -5.58 -21.24
C MET A 119 5.97 -6.84 -21.46
N GLY A 120 5.89 -7.41 -22.63
CA GLY A 120 6.67 -8.59 -22.90
C GLY A 120 6.00 -9.82 -22.36
N LYS A 121 6.67 -10.95 -22.44
CA LYS A 121 6.03 -12.19 -22.10
C LYS A 121 6.36 -12.68 -20.71
N ARG A 122 7.22 -11.97 -20.02
CA ARG A 122 7.49 -12.30 -18.62
C ARG A 122 6.35 -11.77 -17.75
N SER A 123 5.70 -12.67 -17.00
CA SER A 123 4.59 -12.26 -16.15
C SER A 123 5.06 -11.59 -14.86
N ILE A 124 4.16 -10.83 -14.22
CA ILE A 124 4.38 -10.15 -12.95
C ILE A 124 4.70 -11.24 -11.89
N GLU A 125 3.94 -12.36 -11.94
CA GLU A 125 4.10 -13.51 -11.04
C GLU A 125 5.54 -14.06 -11.06
N ASP A 126 6.15 -14.21 -12.27
CA ASP A 126 7.52 -14.70 -12.46
C ASP A 126 8.51 -13.86 -11.66
N ARG A 127 8.40 -12.55 -11.80
CA ARG A 127 9.19 -11.57 -11.08
C ARG A 127 9.04 -11.65 -9.57
N VAL A 128 7.83 -11.81 -9.09
CA VAL A 128 7.54 -11.95 -7.65
C VAL A 128 8.11 -13.29 -7.14
N GLN A 129 7.97 -14.36 -7.95
CA GLN A 129 8.52 -15.69 -7.62
C GLN A 129 10.05 -15.70 -7.60
N GLU A 130 10.69 -14.96 -8.53
CA GLU A 130 12.16 -14.83 -8.58
C GLU A 130 12.63 -14.14 -7.29
N GLU A 131 11.97 -13.03 -6.91
CA GLU A 131 12.28 -12.29 -5.69
C GLU A 131 12.00 -13.12 -4.43
N ALA A 132 11.00 -14.02 -4.49
CA ALA A 132 10.65 -14.90 -3.36
C ALA A 132 11.80 -15.85 -3.09
N ARG A 133 12.45 -16.36 -4.16
CA ARG A 133 13.62 -17.24 -4.08
C ARG A 133 14.83 -16.46 -3.54
N CYS A 134 15.06 -15.23 -4.05
CA CYS A 134 16.14 -14.33 -3.62
C CYS A 134 15.96 -13.86 -2.19
N LEU A 135 14.71 -13.80 -1.70
CA LEU A 135 14.40 -13.40 -0.33
C LEU A 135 14.70 -14.55 0.64
N VAL A 136 14.47 -15.81 0.20
CA VAL A 136 14.74 -17.01 1.01
C VAL A 136 16.25 -17.19 1.22
N GLU A 137 17.05 -17.04 0.13
CA GLU A 137 18.51 -17.13 0.17
C GLU A 137 19.13 -16.14 1.15
N GLU A 138 18.65 -14.87 1.13
CA GLU A 138 19.11 -13.81 2.02
C GLU A 138 18.78 -14.10 3.49
N LEU A 139 17.63 -14.76 3.75
CA LEU A 139 17.23 -15.15 5.11
C LEU A 139 18.02 -16.35 5.66
N ARG A 140 18.62 -17.15 4.75
CA ARG A 140 19.47 -18.31 5.10
C ARG A 140 20.82 -17.78 5.60
N LYS A 141 21.30 -16.65 5.03
CA LYS A 141 22.57 -15.98 5.36
C LYS A 141 22.67 -15.55 6.83
N THR A 142 21.51 -15.25 7.46
CA THR A 142 21.40 -14.81 8.85
C THR A 142 21.74 -15.94 9.85
N LYS A 143 21.95 -17.18 9.35
CA LYS A 143 22.35 -18.42 10.04
C LYS A 143 21.62 -18.67 11.38
N ALA A 144 20.29 -18.50 11.37
CA ALA A 144 19.37 -18.72 12.50
C ALA A 144 19.68 -17.87 13.76
N SER A 145 20.39 -16.73 13.59
CA SER A 145 20.76 -15.82 14.67
C SER A 145 19.72 -14.65 14.79
N PRO A 146 19.56 -13.95 15.95
CA PRO A 146 18.57 -12.86 16.02
C PRO A 146 18.72 -11.81 14.91
N CYS A 147 17.60 -11.47 14.22
CA CYS A 147 17.58 -10.57 13.06
C CYS A 147 16.44 -9.58 13.08
N ASP A 148 16.70 -8.35 12.69
CA ASP A 148 15.66 -7.37 12.49
C ASP A 148 15.27 -7.38 11.02
N PRO A 149 14.09 -7.89 10.68
CA PRO A 149 13.74 -8.13 9.27
C PRO A 149 13.46 -6.89 8.41
N THR A 150 13.38 -5.71 9.03
CA THR A 150 13.11 -4.40 8.40
C THR A 150 13.86 -4.18 7.09
N PHE A 151 15.14 -4.55 7.04
CA PHE A 151 15.95 -4.37 5.83
C PHE A 151 15.63 -5.43 4.80
N ILE A 152 15.70 -6.69 5.16
CA ILE A 152 15.49 -7.74 4.19
C ILE A 152 14.09 -7.74 3.60
N LEU A 153 13.08 -7.51 4.43
CA LEU A 153 11.70 -7.42 3.96
C LEU A 153 11.45 -6.19 3.10
N GLY A 154 12.28 -5.15 3.25
CA GLY A 154 12.21 -3.93 2.46
C GLY A 154 12.75 -4.07 1.06
N CYS A 155 13.81 -4.88 0.88
CA CYS A 155 14.48 -5.13 -0.42
C CYS A 155 13.61 -5.85 -1.44
N ALA A 156 12.85 -6.88 -1.00
CA ALA A 156 11.99 -7.69 -1.86
C ALA A 156 10.92 -6.88 -2.63
N PRO A 157 9.97 -6.12 -2.00
CA PRO A 157 9.02 -5.32 -2.81
C PRO A 157 9.69 -4.28 -3.69
N CYS A 158 10.78 -3.64 -3.21
CA CYS A 158 11.55 -2.64 -3.96
C CYS A 158 12.14 -3.20 -5.24
N ASN A 159 12.68 -4.41 -5.16
CA ASN A 159 13.29 -5.09 -6.30
C ASN A 159 12.27 -5.53 -7.34
N VAL A 160 11.02 -5.80 -6.90
CA VAL A 160 9.91 -6.21 -7.78
C VAL A 160 9.55 -5.02 -8.70
N ILE A 161 9.47 -3.82 -8.12
CA ILE A 161 9.15 -2.57 -8.82
C ILE A 161 10.28 -2.18 -9.79
N CYS A 162 11.56 -2.32 -9.38
CA CYS A 162 12.74 -2.09 -10.22
C CYS A 162 12.65 -2.95 -11.48
N SER A 163 12.32 -4.23 -11.30
CA SER A 163 12.15 -5.24 -12.36
C SER A 163 11.01 -4.89 -13.32
N ILE A 164 9.89 -4.34 -12.81
CA ILE A 164 8.73 -3.92 -13.60
C ILE A 164 9.05 -2.63 -14.39
N ILE A 165 9.70 -1.65 -13.75
CA ILE A 165 9.98 -0.36 -14.38
C ILE A 165 11.16 -0.44 -15.38
N PHE A 166 12.32 -0.98 -14.99
CA PHE A 166 13.46 -1.03 -15.93
C PHE A 166 13.97 -2.42 -16.42
N HIS A 167 13.39 -3.52 -15.90
CA HIS A 167 13.63 -4.93 -16.26
C HIS A 167 14.97 -5.37 -15.60
N LYS A 168 15.38 -4.73 -14.50
CA LYS A 168 16.64 -5.02 -13.81
C LYS A 168 16.32 -5.15 -12.32
N ARG A 169 16.79 -6.25 -11.72
CA ARG A 169 16.70 -6.47 -10.28
C ARG A 169 18.11 -6.19 -9.69
N PHE A 170 18.26 -6.20 -8.36
CA PHE A 170 19.55 -5.89 -7.76
C PHE A 170 19.94 -6.84 -6.64
N ASP A 171 21.24 -6.91 -6.36
CA ASP A 171 21.79 -7.69 -5.26
C ASP A 171 21.56 -6.85 -4.00
N TYR A 172 21.40 -7.50 -2.85
CA TYR A 172 21.13 -6.84 -1.57
C TYR A 172 22.31 -5.99 -1.05
N LYS A 173 23.50 -6.11 -1.71
CA LYS A 173 24.74 -5.39 -1.38
C LYS A 173 25.14 -4.35 -2.47
N ASP A 174 24.34 -4.23 -3.55
CA ASP A 174 24.58 -3.29 -4.65
C ASP A 174 24.30 -1.83 -4.21
N GLN A 175 25.29 -0.92 -4.39
CA GLN A 175 25.21 0.49 -4.01
C GLN A 175 24.13 1.29 -4.74
N GLN A 176 23.88 0.94 -6.01
CA GLN A 176 22.85 1.58 -6.85
C GLN A 176 21.47 1.35 -6.22
N PHE A 177 21.25 0.14 -5.65
CA PHE A 177 20.03 -0.27 -4.95
C PHE A 177 19.97 0.39 -3.57
N LEU A 178 21.10 0.33 -2.81
CA LEU A 178 21.25 0.91 -1.47
C LEU A 178 21.01 2.42 -1.42
N ASN A 179 21.24 3.13 -2.56
CA ASN A 179 21.02 4.56 -2.70
C ASN A 179 19.54 4.87 -2.90
N LEU A 180 18.84 4.07 -3.69
CA LEU A 180 17.42 4.24 -3.96
C LEU A 180 16.58 4.06 -2.71
N MET A 181 16.92 3.04 -1.96
CA MET A 181 16.25 2.68 -0.75
C MET A 181 16.50 3.65 0.38
N GLU A 182 17.66 4.29 0.40
CA GLU A 182 18.04 5.32 1.36
C GLU A 182 17.14 6.54 1.21
N LYS A 183 16.92 7.00 -0.05
CA LYS A 183 16.06 8.15 -0.38
C LYS A 183 14.60 7.86 -0.03
N LEU A 184 14.16 6.64 -0.31
CA LEU A 184 12.85 6.12 0.02
C LEU A 184 12.60 6.10 1.51
N ASN A 185 13.48 5.47 2.26
CA ASN A 185 13.40 5.38 3.73
C ASN A 185 13.44 6.74 4.42
N GLU A 186 14.15 7.73 3.80
CA GLU A 186 14.24 9.12 4.29
C GLU A 186 12.86 9.76 4.11
N ASN A 187 12.28 9.60 2.90
CA ASN A 187 10.95 10.11 2.58
C ASN A 187 9.87 9.48 3.44
N ILE A 188 10.01 8.18 3.79
CA ILE A 188 9.05 7.48 4.65
C ILE A 188 9.11 8.07 6.06
N LYS A 189 10.32 8.20 6.64
CA LYS A 189 10.59 8.81 7.95
C LYS A 189 9.94 10.22 8.04
N ILE A 190 10.06 11.03 6.97
CA ILE A 190 9.47 12.39 6.89
C ILE A 190 7.95 12.33 6.86
N LEU A 191 7.40 11.57 5.94
CA LEU A 191 5.97 11.28 5.80
C LEU A 191 5.30 10.72 7.06
N SER A 192 6.03 9.93 7.83
CA SER A 192 5.56 9.26 9.03
C SER A 192 5.59 10.12 10.33
N SER A 193 5.92 11.41 10.20
CA SER A 193 6.01 12.34 11.32
C SER A 193 4.61 12.62 11.91
N PRO A 194 4.46 12.55 13.26
CA PRO A 194 3.14 12.84 13.86
C PRO A 194 2.69 14.30 13.73
N TRP A 195 1.52 14.65 14.29
CA TRP A 195 0.97 16.01 14.20
C TRP A 195 0.94 16.72 15.56
N ILE A 196 0.65 18.05 15.54
CA ILE A 196 0.43 19.03 16.64
C ILE A 196 0.15 20.42 16.09
N PRO A 204 -3.71 20.11 13.99
CA PRO A 204 -3.71 21.45 13.38
C PRO A 204 -2.61 21.63 12.34
N ILE A 205 -1.40 21.11 12.60
CA ILE A 205 -0.24 21.16 11.68
C ILE A 205 0.72 19.97 11.93
N ILE A 206 1.47 19.57 10.89
CA ILE A 206 2.44 18.48 10.98
C ILE A 206 3.69 18.91 11.80
N ASP A 207 4.33 17.97 12.50
CA ASP A 207 5.51 18.21 13.36
C ASP A 207 6.74 18.65 12.58
N TYR A 208 6.97 18.03 11.41
CA TYR A 208 8.16 18.28 10.58
C TYR A 208 8.78 19.29 9.61
N PHE A 209 8.99 20.53 10.13
CA PHE A 209 9.55 21.72 9.48
C PHE A 209 10.98 22.29 9.83
N PRO A 210 11.98 21.54 10.40
CA PRO A 210 13.27 22.15 10.73
C PRO A 210 14.03 21.56 9.55
N GLY A 211 13.84 22.14 8.36
CA GLY A 211 14.45 21.70 7.10
C GLY A 211 14.18 20.43 6.32
N THR A 212 13.10 19.74 6.72
CA THR A 212 12.65 18.46 6.16
C THR A 212 11.98 18.59 4.79
N HIS A 213 11.46 19.80 4.47
CA HIS A 213 10.83 20.08 3.17
C HIS A 213 11.84 19.98 2.03
N ASN A 214 13.04 20.57 2.21
CA ASN A 214 14.13 20.55 1.24
C ASN A 214 14.69 19.16 0.98
N LYS A 215 14.73 18.32 1.99
CA LYS A 215 15.21 16.95 1.84
C LYS A 215 14.25 16.09 1.02
N LEU A 216 12.98 16.31 1.24
CA LEU A 216 11.94 15.68 0.44
C LEU A 216 12.06 16.06 -1.01
N LEU A 217 12.20 17.35 -1.27
CA LEU A 217 12.36 17.91 -2.62
C LEU A 217 13.64 17.35 -3.27
N LYS A 218 14.76 17.29 -2.50
CA LYS A 218 16.05 16.76 -2.95
C LYS A 218 15.94 15.28 -3.31
N ASN A 219 15.40 14.44 -2.39
CA ASN A 219 15.25 12.98 -2.57
C ASN A 219 14.40 12.61 -3.78
N VAL A 220 13.28 13.33 -3.97
CA VAL A 220 12.38 13.11 -5.12
C VAL A 220 13.15 13.45 -6.42
N ALA A 221 13.89 14.59 -6.43
CA ALA A 221 14.72 15.02 -7.58
C ALA A 221 15.79 13.98 -7.95
N PHE A 222 16.41 13.32 -6.94
CA PHE A 222 17.42 12.26 -7.12
C PHE A 222 16.78 11.02 -7.77
N MET A 223 15.61 10.59 -7.26
CA MET A 223 14.88 9.45 -7.78
C MET A 223 14.41 9.70 -9.20
N LYS A 224 13.94 10.90 -9.48
CA LYS A 224 13.55 11.29 -10.84
C LYS A 224 14.72 11.28 -11.83
N SER A 225 15.85 11.85 -11.42
CA SER A 225 17.09 11.84 -12.22
C SER A 225 17.53 10.42 -12.52
N TYR A 226 17.48 9.52 -11.51
CA TYR A 226 17.85 8.10 -11.63
C TYR A 226 16.95 7.37 -12.62
N ILE A 227 15.62 7.65 -12.58
CA ILE A 227 14.66 7.07 -13.52
C ILE A 227 14.95 7.62 -14.92
N LEU A 228 15.23 8.94 -15.01
CA LEU A 228 15.56 9.63 -16.25
C LEU A 228 16.80 9.09 -16.95
N GLU A 229 17.85 8.70 -16.19
CA GLU A 229 19.04 8.11 -16.80
C GLU A 229 18.77 6.67 -17.32
N LYS A 230 17.77 5.98 -16.72
CA LYS A 230 17.33 4.65 -17.16
C LYS A 230 16.49 4.77 -18.42
N VAL A 231 15.68 5.86 -18.50
CA VAL A 231 14.82 6.22 -19.64
C VAL A 231 15.67 6.44 -20.92
N LYS A 232 16.84 7.05 -20.78
CA LYS A 232 17.74 7.25 -21.91
C LYS A 232 18.23 5.92 -22.44
N GLU A 233 18.72 5.07 -21.57
CA GLU A 233 19.20 3.73 -21.92
C GLU A 233 18.17 2.96 -22.75
N HIS A 234 16.88 3.08 -22.40
CA HIS A 234 15.75 2.44 -23.08
C HIS A 234 15.49 3.06 -24.47
N GLN A 235 15.73 4.38 -24.60
CA GLN A 235 15.56 5.11 -25.86
C GLN A 235 16.60 4.71 -26.93
N GLU A 236 17.69 4.05 -26.51
CA GLU A 236 18.75 3.53 -27.39
C GLU A 236 18.20 2.30 -28.13
N SER A 237 17.54 1.38 -27.39
CA SER A 237 16.95 0.15 -27.92
C SER A 237 15.44 0.28 -28.22
N MET A 238 15.02 1.48 -28.68
CA MET A 238 13.62 1.79 -29.03
C MET A 238 13.09 0.92 -30.18
N ASP A 239 12.16 0.00 -29.86
CA ASP A 239 11.55 -0.94 -30.79
C ASP A 239 10.07 -1.18 -30.44
N MET A 240 9.18 -0.92 -31.42
CA MET A 240 7.73 -1.07 -31.36
C MET A 240 7.23 -2.49 -31.08
N ASN A 241 8.03 -3.53 -31.41
CA ASN A 241 7.61 -4.91 -31.25
C ASN A 241 8.26 -5.67 -30.10
N ASN A 242 9.08 -5.00 -29.28
CA ASN A 242 9.75 -5.70 -28.17
C ASN A 242 9.70 -4.95 -26.80
N PRO A 243 8.51 -4.52 -26.27
CA PRO A 243 8.51 -3.90 -24.94
C PRO A 243 8.77 -4.98 -23.91
N GLN A 244 9.62 -4.71 -22.91
CA GLN A 244 9.98 -5.70 -21.88
C GLN A 244 9.69 -5.21 -20.46
N ASP A 245 9.34 -3.93 -20.34
CA ASP A 245 9.06 -3.29 -19.06
C ASP A 245 8.18 -2.02 -19.12
N PHE A 246 8.00 -1.31 -18.00
CA PHE A 246 7.14 -0.12 -17.90
C PHE A 246 7.66 1.06 -18.71
N ILE A 247 9.00 1.34 -18.67
CA ILE A 247 9.61 2.44 -19.44
C ILE A 247 9.33 2.26 -20.95
N ASP A 248 9.57 1.03 -21.49
CA ASP A 248 9.33 0.67 -22.90
C ASP A 248 7.88 0.88 -23.32
N CYS A 249 6.91 0.31 -22.56
CA CYS A 249 5.47 0.41 -22.82
C CYS A 249 4.99 1.87 -22.86
N PHE A 250 5.49 2.72 -21.94
CA PHE A 250 5.17 4.15 -21.84
C PHE A 250 5.76 4.93 -23.03
N LEU A 251 7.04 4.65 -23.40
CA LEU A 251 7.72 5.28 -24.56
C LEU A 251 6.97 4.93 -25.85
N MET A 252 6.50 3.68 -25.96
CA MET A 252 5.71 3.17 -27.09
C MET A 252 4.36 3.89 -27.20
N LYS A 253 3.75 4.26 -26.04
CA LYS A 253 2.49 4.99 -25.98
C LYS A 253 2.74 6.45 -26.37
N MET A 254 3.88 7.02 -25.92
CA MET A 254 4.33 8.38 -26.21
C MET A 254 4.48 8.56 -27.73
N GLU A 255 5.11 7.55 -28.38
CA GLU A 255 5.33 7.48 -29.82
C GLU A 255 3.99 7.33 -30.55
N LYS A 256 3.01 6.65 -29.91
CA LYS A 256 1.68 6.43 -30.47
C LYS A 256 0.74 7.64 -30.26
N GLU A 257 1.08 8.52 -29.30
CA GLU A 257 0.28 9.71 -28.98
C GLU A 257 0.95 11.02 -29.48
N LYS A 258 1.85 10.90 -30.49
CA LYS A 258 2.47 12.08 -31.10
C LYS A 258 1.57 12.44 -32.30
N HIS A 259 1.63 13.71 -32.77
CA HIS A 259 0.78 14.27 -33.84
C HIS A 259 -0.70 14.40 -33.37
N ASN A 260 -0.91 13.86 -32.19
CA ASN A 260 -2.10 14.03 -31.43
C ASN A 260 -1.66 14.71 -30.12
N GLN A 261 -0.69 15.62 -30.23
CA GLN A 261 -0.20 16.40 -29.11
C GLN A 261 -1.19 17.52 -28.78
N PRO A 262 -1.20 18.15 -27.51
CA PRO A 262 -0.30 17.55 -26.50
C PRO A 262 -0.90 16.31 -25.85
N SER A 263 -0.07 15.50 -25.23
CA SER A 263 -0.56 14.29 -24.63
C SER A 263 -0.27 14.38 -23.19
N GLU A 264 -0.97 13.54 -22.46
CA GLU A 264 -0.75 13.33 -21.02
C GLU A 264 0.49 12.46 -20.83
N PHE A 265 0.88 11.71 -21.88
CA PHE A 265 2.04 10.83 -21.88
C PHE A 265 3.29 11.59 -22.33
N THR A 266 4.03 12.14 -21.36
CA THR A 266 5.25 12.91 -21.57
C THR A 266 6.40 12.29 -20.77
N ILE A 267 7.63 12.82 -20.94
CA ILE A 267 8.82 12.38 -20.21
C ILE A 267 8.65 12.61 -18.70
N GLU A 268 8.16 13.79 -18.30
CA GLU A 268 7.99 14.13 -16.88
C GLU A 268 6.84 13.35 -16.19
N SER A 269 5.79 12.95 -16.95
CA SER A 269 4.68 12.16 -16.40
C SER A 269 5.15 10.73 -16.15
N LEU A 270 5.98 10.19 -17.09
CA LEU A 270 6.62 8.88 -16.99
C LEU A 270 7.50 8.85 -15.74
N GLU A 271 8.24 9.92 -15.53
CA GLU A 271 9.13 10.11 -14.41
C GLU A 271 8.42 10.14 -13.06
N ASN A 272 7.37 10.93 -12.93
CA ASN A 272 6.53 11.01 -11.74
C ASN A 272 5.79 9.69 -11.44
N THR A 273 5.17 9.06 -12.47
CA THR A 273 4.47 7.77 -12.38
C THR A 273 5.43 6.71 -11.83
N ALA A 274 6.66 6.65 -12.40
CA ALA A 274 7.72 5.72 -11.99
C ALA A 274 8.12 5.94 -10.51
N VAL A 275 8.19 7.21 -10.06
CA VAL A 275 8.51 7.56 -8.67
C VAL A 275 7.34 7.12 -7.77
N ASP A 276 6.10 7.37 -8.20
CA ASP A 276 4.87 6.98 -7.50
C ASP A 276 4.83 5.45 -7.28
N LEU A 277 5.09 4.67 -8.35
CA LEU A 277 5.12 3.20 -8.32
C LEU A 277 6.19 2.68 -7.38
N PHE A 278 7.31 3.39 -7.29
CA PHE A 278 8.44 3.07 -6.44
C PHE A 278 8.15 3.32 -4.99
N GLY A 279 7.57 4.46 -4.70
CA GLY A 279 7.18 4.86 -3.37
C GLY A 279 6.08 4.00 -2.80
N ALA A 280 4.92 3.97 -3.49
CA ALA A 280 3.74 3.19 -3.10
C ALA A 280 3.98 1.68 -3.14
N GLY A 281 4.71 1.21 -4.15
CA GLY A 281 5.00 -0.21 -4.32
C GLY A 281 6.02 -0.84 -3.41
N THR A 282 6.63 -0.05 -2.50
CA THR A 282 7.67 -0.51 -1.57
C THR A 282 7.21 -0.54 -0.09
N GLU A 283 6.98 0.64 0.53
CA GLU A 283 6.68 0.78 1.95
C GLU A 283 5.44 0.02 2.47
N THR A 284 4.29 0.14 1.78
CA THR A 284 3.03 -0.51 2.21
C THR A 284 3.21 -2.01 2.31
N THR A 285 3.79 -2.61 1.26
CA THR A 285 4.10 -4.03 1.17
C THR A 285 5.13 -4.42 2.23
N SER A 286 6.23 -3.66 2.32
CA SER A 286 7.30 -3.92 3.30
C SER A 286 6.78 -3.93 4.75
N THR A 287 6.01 -2.91 5.14
CA THR A 287 5.40 -2.77 6.48
C THR A 287 4.40 -3.90 6.79
N THR A 288 3.59 -4.30 5.78
CA THR A 288 2.61 -5.38 5.94
C THR A 288 3.34 -6.70 6.20
N LEU A 289 4.38 -7.02 5.41
CA LEU A 289 5.20 -8.23 5.62
C LEU A 289 5.82 -8.27 7.00
N ARG A 290 6.39 -7.13 7.48
CA ARG A 290 7.01 -7.03 8.80
C ARG A 290 5.99 -7.22 9.91
N TYR A 291 4.81 -6.64 9.75
CA TYR A 291 3.73 -6.79 10.71
C TYR A 291 3.14 -8.24 10.69
N ALA A 292 3.18 -8.91 9.51
CA ALA A 292 2.70 -10.29 9.35
C ALA A 292 3.60 -11.24 10.12
N LEU A 293 4.93 -11.06 10.05
CA LEU A 293 5.89 -11.93 10.78
C LEU A 293 5.78 -11.76 12.29
N LEU A 294 5.52 -10.52 12.76
CA LEU A 294 5.30 -10.22 14.17
C LEU A 294 4.07 -10.94 14.73
N LEU A 295 2.95 -10.93 13.97
CA LEU A 295 1.70 -11.59 14.36
C LEU A 295 1.82 -13.11 14.34
N LEU A 296 2.70 -13.63 13.47
CA LEU A 296 2.96 -15.06 13.37
C LEU A 296 3.78 -15.56 14.58
N LEU A 297 4.63 -14.68 15.15
CA LEU A 297 5.42 -14.98 16.34
C LEU A 297 4.52 -14.96 17.57
N LYS A 298 3.59 -14.01 17.61
CA LYS A 298 2.66 -13.88 18.71
C LYS A 298 1.57 -14.90 18.73
N HIS A 299 1.28 -15.44 17.58
CA HIS A 299 0.25 -16.46 17.40
C HIS A 299 0.88 -17.77 16.84
N PRO A 300 1.58 -18.57 17.70
CA PRO A 300 2.23 -19.80 17.20
C PRO A 300 1.28 -20.88 16.67
N GLU A 301 0.05 -20.97 17.20
CA GLU A 301 -0.96 -21.95 16.71
C GLU A 301 -1.37 -21.67 15.27
N VAL A 302 -1.51 -20.37 14.92
CA VAL A 302 -1.88 -19.89 13.58
C VAL A 302 -0.78 -20.24 12.57
N THR A 303 0.47 -19.94 12.91
CA THR A 303 1.65 -20.21 12.09
C THR A 303 1.76 -21.68 11.76
N ALA A 304 1.52 -22.55 12.78
CA ALA A 304 1.55 -24.01 12.66
C ALA A 304 0.52 -24.51 11.65
N LYS A 305 -0.72 -23.96 11.68
CA LYS A 305 -1.78 -24.35 10.72
C LYS A 305 -1.48 -23.87 9.32
N VAL A 306 -0.77 -22.74 9.18
CA VAL A 306 -0.36 -22.18 7.88
C VAL A 306 0.71 -23.10 7.30
N GLN A 307 1.73 -23.46 8.10
CA GLN A 307 2.81 -24.35 7.68
C GLN A 307 2.30 -25.75 7.31
N GLU A 308 1.28 -26.21 8.06
CA GLU A 308 0.57 -27.45 7.79
C GLU A 308 -0.12 -27.42 6.47
N GLU A 309 -0.71 -26.29 6.12
CA GLU A 309 -1.41 -26.14 4.86
C GLU A 309 -0.50 -26.08 3.66
N ILE A 310 0.70 -25.56 3.84
CA ILE A 310 1.65 -25.39 2.77
C ILE A 310 2.21 -26.74 2.45
N GLU A 311 2.27 -27.61 3.46
CA GLU A 311 2.84 -28.93 3.32
C GLU A 311 1.96 -29.74 2.44
N ARG A 312 0.68 -29.72 2.75
CA ARG A 312 -0.29 -30.61 2.15
C ARG A 312 -0.62 -30.21 0.74
N VAL A 313 -0.41 -28.94 0.41
CA VAL A 313 -0.79 -28.31 -0.87
C VAL A 313 0.44 -27.99 -1.77
N ILE A 314 1.58 -27.59 -1.18
CA ILE A 314 2.78 -27.23 -1.96
C ILE A 314 3.98 -28.13 -1.67
N GLY A 315 4.28 -28.32 -0.38
CA GLY A 315 5.44 -29.06 0.09
C GLY A 315 6.68 -28.17 0.10
N ARG A 316 7.81 -28.81 0.37
CA ARG A 316 9.11 -28.16 0.48
C ARG A 316 9.92 -28.31 -0.79
N ASN A 317 9.23 -28.78 -1.81
CA ASN A 317 9.85 -29.20 -3.05
C ASN A 317 9.80 -28.20 -4.19
N ARG A 318 8.65 -27.55 -4.39
CA ARG A 318 8.46 -26.52 -5.43
C ARG A 318 8.11 -25.13 -4.88
N SER A 319 8.32 -24.10 -5.68
CA SER A 319 8.02 -22.71 -5.28
C SER A 319 6.52 -22.42 -5.36
N PRO A 320 5.94 -21.71 -4.36
CA PRO A 320 4.49 -21.40 -4.42
C PRO A 320 4.09 -20.55 -5.62
N CYS A 321 2.82 -20.67 -6.02
CA CYS A 321 2.22 -19.93 -7.13
C CYS A 321 0.82 -19.44 -6.71
N MET A 322 0.25 -18.46 -7.46
CA MET A 322 -1.07 -17.90 -7.15
C MET A 322 -2.22 -18.91 -7.25
N GLN A 323 -2.02 -20.01 -8.00
CA GLN A 323 -3.01 -21.09 -8.18
C GLN A 323 -3.20 -21.91 -6.90
N ASP A 324 -2.20 -21.87 -6.00
CA ASP A 324 -2.23 -22.57 -4.70
C ASP A 324 -3.23 -21.94 -3.72
N ARG A 325 -3.41 -20.60 -3.76
CA ARG A 325 -4.26 -19.81 -2.86
C ARG A 325 -5.70 -20.34 -2.72
N SER A 326 -6.40 -20.62 -3.85
CA SER A 326 -7.77 -21.16 -3.85
C SER A 326 -7.88 -22.50 -3.11
N HIS A 327 -6.78 -23.27 -3.09
CA HIS A 327 -6.63 -24.58 -2.42
C HIS A 327 -6.16 -24.45 -0.96
N MET A 328 -5.87 -23.20 -0.51
CA MET A 328 -5.39 -22.92 0.86
C MET A 328 -6.30 -21.91 1.59
N PRO A 329 -7.57 -22.26 1.90
CA PRO A 329 -8.46 -21.28 2.58
C PRO A 329 -7.95 -20.70 3.90
N TYR A 330 -7.21 -21.46 4.68
CA TYR A 330 -6.71 -21.00 5.96
C TYR A 330 -5.60 -19.97 5.82
N THR A 331 -4.70 -20.20 4.89
CA THR A 331 -3.61 -19.27 4.59
C THR A 331 -4.13 -17.99 3.99
N ASP A 332 -5.16 -18.07 3.18
CA ASP A 332 -5.77 -16.92 2.57
C ASP A 332 -6.46 -16.13 3.64
N ALA A 333 -7.01 -16.80 4.62
CA ALA A 333 -7.63 -16.11 5.73
C ALA A 333 -6.61 -15.35 6.56
N VAL A 334 -5.44 -15.94 6.79
CA VAL A 334 -4.35 -15.28 7.51
C VAL A 334 -3.82 -14.01 6.81
N VAL A 335 -3.67 -14.07 5.50
CA VAL A 335 -3.21 -12.94 4.69
C VAL A 335 -4.21 -11.78 4.83
N HIS A 336 -5.50 -12.05 4.62
CA HIS A 336 -6.60 -11.11 4.77
C HIS A 336 -6.70 -10.60 6.19
N GLU A 337 -6.50 -11.48 7.18
CA GLU A 337 -6.64 -11.08 8.59
C GLU A 337 -5.52 -10.15 9.01
N VAL A 338 -4.29 -10.41 8.53
CA VAL A 338 -3.16 -9.52 8.80
C VAL A 338 -3.51 -8.10 8.33
N GLN A 339 -4.00 -7.94 7.07
CA GLN A 339 -4.34 -6.63 6.48
C GLN A 339 -5.57 -5.95 7.11
N ARG A 340 -6.55 -6.75 7.57
CA ARG A 340 -7.75 -6.20 8.20
C ARG A 340 -7.40 -5.66 9.61
N TYR A 341 -6.69 -6.49 10.40
CA TYR A 341 -6.31 -6.20 11.77
C TYR A 341 -5.36 -5.00 11.89
N ILE A 342 -4.23 -5.02 11.16
CA ILE A 342 -3.22 -3.96 11.24
C ILE A 342 -3.80 -2.62 10.81
N ASP A 343 -4.74 -2.59 9.81
CA ASP A 343 -5.39 -1.36 9.30
C ASP A 343 -4.30 -0.33 8.98
N LEU A 344 -3.36 -0.77 8.12
CA LEU A 344 -2.16 -0.09 7.65
C LEU A 344 -2.36 1.41 7.42
N LEU A 345 -3.36 1.79 6.62
CA LEU A 345 -3.66 3.18 6.27
C LEU A 345 -5.05 3.54 6.79
N PRO A 346 -5.13 4.00 8.06
CA PRO A 346 -6.44 4.25 8.68
C PRO A 346 -7.38 5.19 7.95
N THR A 347 -6.86 6.18 7.22
CA THR A 347 -7.69 7.14 6.49
C THR A 347 -7.41 7.13 4.96
N SER A 348 -6.77 6.06 4.44
CA SER A 348 -6.44 5.90 3.01
C SER A 348 -5.56 7.09 2.58
N LEU A 349 -6.02 7.83 1.57
CA LEU A 349 -5.43 9.06 1.04
C LEU A 349 -6.61 10.01 0.88
N PRO A 350 -6.45 11.35 1.02
CA PRO A 350 -7.63 12.22 0.90
C PRO A 350 -8.23 12.26 -0.51
N HIS A 351 -9.54 12.34 -0.55
CA HIS A 351 -10.31 12.42 -1.76
C HIS A 351 -10.86 13.83 -1.89
N ALA A 352 -11.52 14.12 -3.00
CA ALA A 352 -12.14 15.40 -3.28
C ALA A 352 -13.26 15.10 -4.24
N VAL A 353 -14.36 15.84 -4.14
CA VAL A 353 -15.46 15.64 -5.07
C VAL A 353 -15.10 16.34 -6.40
N THR A 354 -15.24 15.62 -7.53
CA THR A 354 -14.88 16.12 -8.85
C THR A 354 -15.78 17.25 -9.36
N CYS A 355 -17.05 17.28 -8.88
CA CYS A 355 -18.09 18.24 -9.23
C CYS A 355 -19.04 18.46 -8.03
N ASP A 356 -20.02 19.39 -8.16
CA ASP A 356 -21.04 19.61 -7.13
C ASP A 356 -21.95 18.38 -7.14
N ILE A 357 -22.12 17.74 -5.96
CA ILE A 357 -22.90 16.51 -5.90
C ILE A 357 -23.83 16.48 -4.68
N LYS A 358 -25.02 15.91 -4.88
CA LYS A 358 -26.03 15.72 -3.85
C LYS A 358 -25.74 14.37 -3.17
N PHE A 359 -25.27 14.42 -1.92
CA PHE A 359 -24.98 13.21 -1.14
C PHE A 359 -25.90 13.18 0.07
N ARG A 360 -26.95 12.33 0.00
CA ARG A 360 -27.99 12.16 1.02
C ARG A 360 -28.62 13.57 1.14
N ASN A 361 -28.71 14.09 2.36
CA ASN A 361 -29.23 15.42 2.67
C ASN A 361 -28.29 16.57 2.58
N TYR A 362 -27.25 16.38 1.80
CA TYR A 362 -26.23 17.41 1.67
C TYR A 362 -25.83 17.69 0.21
N LEU A 363 -25.29 18.90 -0.04
CA LEU A 363 -24.79 19.34 -1.33
C LEU A 363 -23.32 19.66 -1.13
N ILE A 364 -22.43 18.87 -1.68
CA ILE A 364 -21.02 19.13 -1.48
C ILE A 364 -20.52 19.86 -2.70
N PRO A 365 -19.88 21.00 -2.52
CA PRO A 365 -19.35 21.76 -3.66
C PRO A 365 -18.06 21.14 -4.21
N LYS A 366 -17.78 21.34 -5.52
CA LYS A 366 -16.61 20.84 -6.25
C LYS A 366 -15.30 21.19 -5.53
N GLY A 367 -14.41 20.20 -5.44
CA GLY A 367 -13.10 20.36 -4.80
C GLY A 367 -13.05 20.20 -3.29
N THR A 368 -14.17 19.91 -2.66
CA THR A 368 -14.20 19.71 -1.20
C THR A 368 -13.49 18.42 -0.80
N THR A 369 -12.57 18.53 0.14
CA THR A 369 -11.81 17.39 0.65
C THR A 369 -12.74 16.37 1.29
N ILE A 370 -12.54 15.09 0.96
CA ILE A 370 -13.32 13.97 1.47
C ILE A 370 -12.33 13.05 2.17
N LEU A 371 -12.52 12.84 3.49
CA LEU A 371 -11.69 11.96 4.28
C LEU A 371 -12.48 10.69 4.61
N ILE A 372 -11.90 9.53 4.27
CA ILE A 372 -12.53 8.21 4.41
C ILE A 372 -11.88 7.44 5.54
N SER A 373 -12.71 6.89 6.43
CA SER A 373 -12.24 6.07 7.52
C SER A 373 -12.25 4.61 7.09
N LEU A 374 -11.06 4.06 6.78
CA LEU A 374 -10.93 2.66 6.40
C LEU A 374 -11.00 1.79 7.67
N THR A 375 -10.60 2.35 8.85
CA THR A 375 -10.67 1.68 10.18
C THR A 375 -12.10 1.29 10.49
N SER A 376 -13.05 2.19 10.17
CA SER A 376 -14.48 2.03 10.43
C SER A 376 -15.08 0.88 9.63
N VAL A 377 -14.46 0.53 8.49
CA VAL A 377 -14.90 -0.54 7.60
C VAL A 377 -14.20 -1.85 7.99
N LEU A 378 -12.85 -1.85 8.06
CA LEU A 378 -12.04 -3.00 8.43
C LEU A 378 -12.26 -3.47 9.88
N HIS A 379 -12.72 -2.56 10.78
CA HIS A 379 -12.95 -2.93 12.18
C HIS A 379 -14.44 -2.80 12.59
N ASP A 380 -15.36 -3.11 11.64
CA ASP A 380 -16.81 -3.11 11.87
C ASP A 380 -17.15 -4.26 12.84
N ASN A 381 -17.70 -3.91 14.02
CA ASN A 381 -18.03 -4.84 15.12
C ASN A 381 -19.14 -5.87 14.77
N LYS A 382 -19.93 -5.63 13.70
CA LYS A 382 -20.97 -6.56 13.25
C LYS A 382 -20.43 -7.54 12.18
N GLU A 383 -19.68 -7.03 11.17
CA GLU A 383 -19.09 -7.86 10.11
C GLU A 383 -17.96 -8.70 10.68
N PHE A 384 -17.18 -8.12 11.59
CA PHE A 384 -16.06 -8.80 12.22
C PHE A 384 -16.25 -8.83 13.76
N PRO A 385 -17.12 -9.73 14.32
CA PRO A 385 -17.30 -9.75 15.79
C PRO A 385 -15.97 -9.86 16.52
N ASN A 386 -15.72 -8.94 17.46
CA ASN A 386 -14.45 -8.76 18.17
C ASN A 386 -13.39 -8.30 17.13
N PRO A 387 -13.55 -7.08 16.54
CA PRO A 387 -12.61 -6.65 15.50
C PRO A 387 -11.22 -6.30 16.02
N GLU A 388 -11.12 -6.01 17.33
CA GLU A 388 -9.86 -5.64 17.98
C GLU A 388 -8.89 -6.81 18.22
N MET A 389 -9.36 -8.04 18.03
CA MET A 389 -8.52 -9.23 18.21
C MET A 389 -8.06 -9.79 16.85
N PHE A 390 -6.84 -10.36 16.81
CA PHE A 390 -6.30 -10.99 15.59
C PHE A 390 -6.88 -12.38 15.50
N ASP A 391 -7.67 -12.67 14.45
CA ASP A 391 -8.35 -13.97 14.31
C ASP A 391 -8.67 -14.33 12.85
N PRO A 392 -7.96 -15.32 12.25
CA PRO A 392 -8.23 -15.71 10.87
C PRO A 392 -9.69 -16.06 10.58
N HIS A 393 -10.44 -16.55 11.59
CA HIS A 393 -11.85 -16.93 11.48
C HIS A 393 -12.76 -15.75 11.09
N HIS A 394 -12.20 -14.52 11.08
CA HIS A 394 -12.92 -13.34 10.57
C HIS A 394 -13.09 -13.50 9.03
N PHE A 395 -12.22 -14.32 8.37
CA PHE A 395 -12.30 -14.64 6.94
C PHE A 395 -12.57 -16.13 6.70
N LEU A 396 -13.40 -16.73 7.57
CA LEU A 396 -13.80 -18.15 7.58
C LEU A 396 -15.26 -18.25 8.00
N ASP A 397 -16.10 -18.95 7.19
CA ASP A 397 -17.51 -19.20 7.57
C ASP A 397 -17.53 -20.21 8.72
N GLU A 398 -18.73 -20.64 9.19
CA GLU A 398 -18.84 -21.55 10.31
C GLU A 398 -18.36 -22.99 10.00
N GLY A 399 -18.12 -23.28 8.73
CA GLY A 399 -17.61 -24.58 8.29
C GLY A 399 -16.12 -24.61 8.02
N GLY A 400 -15.46 -23.46 8.23
CA GLY A 400 -14.02 -23.32 8.03
C GLY A 400 -13.63 -23.00 6.60
N ASN A 401 -14.60 -22.69 5.74
CA ASN A 401 -14.30 -22.34 4.35
C ASN A 401 -13.90 -20.86 4.28
N PHE A 402 -13.12 -20.47 3.23
CA PHE A 402 -12.76 -19.07 3.07
C PHE A 402 -14.02 -18.23 2.89
N LYS A 403 -14.14 -17.16 3.68
CA LYS A 403 -15.30 -16.28 3.61
C LYS A 403 -14.85 -14.87 3.22
N LYS A 404 -15.07 -14.52 1.94
CA LYS A 404 -14.72 -13.18 1.46
C LYS A 404 -15.73 -12.16 1.97
N SER A 405 -15.28 -10.92 2.12
CA SER A 405 -16.09 -9.84 2.71
C SER A 405 -16.04 -8.54 1.90
N LYS A 406 -17.19 -7.86 1.79
CA LYS A 406 -17.35 -6.54 1.14
C LYS A 406 -16.65 -5.45 2.00
N TYR A 407 -16.38 -5.79 3.27
CA TYR A 407 -15.74 -4.91 4.24
C TYR A 407 -14.20 -4.96 4.15
N PHE A 408 -13.64 -5.82 3.26
CA PHE A 408 -12.19 -5.95 3.04
C PHE A 408 -11.75 -4.81 2.16
N MET A 409 -11.54 -3.64 2.77
CA MET A 409 -11.12 -2.46 2.03
C MET A 409 -9.74 -1.94 2.46
N PRO A 410 -8.66 -2.77 2.58
CA PRO A 410 -7.35 -2.19 2.96
C PRO A 410 -6.72 -1.38 1.84
N PHE A 411 -7.17 -1.62 0.61
CA PHE A 411 -6.67 -0.98 -0.58
C PHE A 411 -7.57 0.16 -1.01
N SER A 412 -8.57 0.47 -0.15
CA SER A 412 -9.63 1.47 -0.33
C SER A 412 -10.70 0.88 -1.26
N ALA A 413 -11.51 1.73 -1.87
CA ALA A 413 -12.62 1.32 -2.72
C ALA A 413 -12.86 2.35 -3.82
N GLY A 414 -13.60 1.91 -4.83
CA GLY A 414 -13.99 2.72 -5.97
C GLY A 414 -12.92 2.92 -7.02
N LYS A 415 -13.04 4.04 -7.73
CA LYS A 415 -12.20 4.44 -8.85
C LYS A 415 -10.72 4.67 -8.51
N ARG A 416 -10.44 5.06 -7.25
CA ARG A 416 -9.05 5.30 -6.79
C ARG A 416 -8.40 4.10 -6.09
N ILE A 417 -9.10 2.94 -6.03
CA ILE A 417 -8.59 1.69 -5.40
C ILE A 417 -7.15 1.45 -5.82
N CYS A 418 -6.30 1.16 -4.87
CA CYS A 418 -4.89 0.89 -5.12
C CYS A 418 -4.67 0.10 -6.42
N VAL A 419 -3.97 0.73 -7.40
CA VAL A 419 -3.54 0.18 -8.70
C VAL A 419 -2.60 -1.05 -8.49
N GLY A 420 -1.96 -1.13 -7.32
CA GLY A 420 -1.06 -2.23 -6.97
C GLY A 420 -1.70 -3.31 -6.13
N GLU A 421 -3.07 -3.35 -6.09
CA GLU A 421 -3.86 -4.35 -5.34
C GLU A 421 -3.43 -5.79 -5.69
N ALA A 422 -3.48 -6.14 -6.98
CA ALA A 422 -3.12 -7.47 -7.47
C ALA A 422 -1.65 -7.83 -7.12
N LEU A 423 -0.69 -6.92 -7.39
CA LEU A 423 0.75 -7.06 -7.07
C LEU A 423 1.03 -7.24 -5.60
N ALA A 424 0.44 -6.39 -4.74
CA ALA A 424 0.64 -6.51 -3.30
C ALA A 424 0.02 -7.82 -2.78
N GLY A 425 -1.10 -8.26 -3.39
CA GLY A 425 -1.74 -9.52 -3.08
C GLY A 425 -0.80 -10.68 -3.36
N MET A 426 -0.14 -10.65 -4.54
CA MET A 426 0.84 -11.64 -4.98
C MET A 426 2.03 -11.67 -4.02
N GLU A 427 2.56 -10.48 -3.68
CA GLU A 427 3.74 -10.35 -2.82
C GLU A 427 3.50 -10.90 -1.43
N LEU A 428 2.40 -10.51 -0.78
CA LEU A 428 2.07 -11.02 0.55
C LEU A 428 1.97 -12.54 0.56
N PHE A 429 1.11 -13.09 -0.32
CA PHE A 429 0.91 -14.52 -0.40
C PHE A 429 2.19 -15.28 -0.76
N LEU A 430 2.88 -14.89 -1.85
CA LEU A 430 4.09 -15.59 -2.27
C LEU A 430 5.26 -15.44 -1.29
N PHE A 431 5.59 -14.21 -0.82
CA PHE A 431 6.70 -14.04 0.12
C PHE A 431 6.46 -14.70 1.48
N LEU A 432 5.22 -14.65 2.00
CA LEU A 432 4.91 -15.27 3.30
C LEU A 432 4.89 -16.81 3.25
N THR A 433 4.39 -17.42 2.15
CA THR A 433 4.34 -18.88 2.03
C THR A 433 5.73 -19.46 1.87
N SER A 434 6.60 -18.75 1.13
CA SER A 434 7.99 -19.12 0.89
C SER A 434 8.79 -19.06 2.19
N ILE A 435 8.56 -18.02 3.05
CA ILE A 435 9.24 -17.89 4.33
C ILE A 435 8.81 -19.07 5.21
N LEU A 436 7.49 -19.30 5.34
CA LEU A 436 6.95 -20.38 6.13
C LEU A 436 7.15 -21.80 5.52
N GLN A 437 7.74 -21.87 4.31
CA GLN A 437 8.06 -23.14 3.61
C GLN A 437 9.49 -23.57 3.94
N ASN A 438 10.41 -22.60 4.03
CA ASN A 438 11.83 -22.84 4.26
C ASN A 438 12.33 -22.55 5.68
N PHE A 439 11.47 -21.95 6.54
CA PHE A 439 11.89 -21.58 7.90
C PHE A 439 10.84 -21.75 8.98
N ASN A 440 11.29 -22.01 10.20
CA ASN A 440 10.43 -21.91 11.34
C ASN A 440 10.66 -20.57 11.99
N LEU A 441 9.67 -20.07 12.72
CA LEU A 441 9.79 -18.76 13.33
C LEU A 441 10.01 -18.84 14.83
N LYS A 442 11.20 -18.43 15.28
CA LYS A 442 11.60 -18.43 16.69
C LYS A 442 11.68 -17.01 17.22
N SER A 443 10.89 -16.72 18.24
CA SER A 443 10.89 -15.41 18.89
C SER A 443 11.86 -15.41 20.07
N LEU A 444 12.67 -14.35 20.18
CA LEU A 444 13.64 -14.17 21.28
C LEU A 444 12.89 -14.02 22.61
N VAL A 445 11.78 -13.26 22.58
CA VAL A 445 10.90 -12.99 23.72
C VAL A 445 9.71 -13.98 23.72
N ASP A 446 9.25 -14.38 24.94
CA ASP A 446 8.11 -15.29 25.15
C ASP A 446 6.83 -14.64 24.54
N PRO A 447 6.23 -15.25 23.49
CA PRO A 447 5.05 -14.66 22.83
C PRO A 447 3.93 -14.12 23.74
N LYS A 448 3.82 -14.64 24.97
CA LYS A 448 2.82 -14.26 25.98
C LYS A 448 3.00 -12.81 26.47
N ASN A 449 4.24 -12.26 26.40
CA ASN A 449 4.55 -10.90 26.81
C ASN A 449 5.17 -10.07 25.66
N LEU A 450 5.06 -10.60 24.42
CA LEU A 450 5.56 -9.95 23.20
C LEU A 450 4.60 -8.83 22.78
N ASP A 451 5.11 -7.60 22.72
CA ASP A 451 4.35 -6.39 22.36
C ASP A 451 3.99 -6.38 20.86
N THR A 452 2.76 -5.97 20.53
CA THR A 452 2.27 -5.88 19.15
C THR A 452 1.64 -4.52 18.85
N THR A 453 1.39 -3.71 19.90
CA THR A 453 0.79 -2.38 19.82
C THR A 453 1.62 -1.49 18.87
N PRO A 454 0.99 -0.94 17.80
CA PRO A 454 1.76 -0.15 16.84
C PRO A 454 2.31 1.18 17.38
N VAL A 455 3.49 1.57 16.88
CA VAL A 455 4.16 2.82 17.26
C VAL A 455 3.44 4.03 16.67
N VAL A 456 3.49 5.18 17.36
CA VAL A 456 2.85 6.45 16.93
C VAL A 456 3.49 6.86 15.60
N ASN A 457 2.65 7.04 14.58
CA ASN A 457 3.09 7.34 13.22
C ASN A 457 2.08 8.22 12.50
N GLY A 458 2.59 9.19 11.76
CA GLY A 458 1.79 10.18 11.02
C GLY A 458 0.96 9.69 9.85
N PHE A 459 1.30 8.53 9.25
CA PHE A 459 0.47 8.07 8.12
C PHE A 459 0.06 6.59 8.19
N ALA A 460 0.90 5.71 8.79
CA ALA A 460 0.61 4.27 8.84
C ALA A 460 0.68 3.59 10.20
N SER A 461 -0.10 2.49 10.37
CA SER A 461 -0.04 1.63 11.57
C SER A 461 1.21 0.75 11.37
N VAL A 462 2.37 1.24 11.81
CA VAL A 462 3.69 0.59 11.68
C VAL A 462 3.94 -0.35 12.89
N PRO A 463 4.54 -1.56 12.71
CA PRO A 463 4.73 -2.43 13.90
C PRO A 463 5.86 -1.98 14.85
N PRO A 464 5.82 -2.35 16.16
CA PRO A 464 6.96 -2.03 17.04
C PRO A 464 8.17 -2.88 16.68
N PHE A 465 9.35 -2.47 17.17
CA PHE A 465 10.61 -3.17 16.89
C PHE A 465 10.61 -4.55 17.53
N TYR A 466 11.12 -5.54 16.79
CA TYR A 466 11.25 -6.93 17.25
C TYR A 466 12.40 -7.61 16.53
N GLN A 467 12.80 -8.78 17.03
CA GLN A 467 13.85 -9.59 16.42
C GLN A 467 13.39 -11.05 16.42
N LEU A 468 13.89 -11.85 15.46
CA LEU A 468 13.51 -13.25 15.32
C LEU A 468 14.59 -14.11 14.65
N CYS A 469 14.52 -15.43 14.87
CA CYS A 469 15.45 -16.40 14.28
C CYS A 469 14.80 -17.13 13.12
N PHE A 470 15.43 -17.06 11.94
CA PHE A 470 14.98 -17.77 10.74
C PHE A 470 15.76 -19.09 10.69
N ILE A 471 15.19 -20.13 11.36
CA ILE A 471 15.76 -21.48 11.46
C ILE A 471 15.30 -22.36 10.29
N PRO A 472 16.23 -22.94 9.48
CA PRO A 472 15.83 -23.83 8.38
C PRO A 472 14.92 -24.97 8.87
N ILE A 473 14.07 -25.45 7.98
CA ILE A 473 12.93 -26.30 8.30
C ILE A 473 13.17 -27.66 8.99
N HIS A 474 12.28 -28.01 9.93
CA HIS A 474 12.39 -29.28 10.65
C HIS A 474 11.04 -29.63 11.33
N HIS A 475 10.70 -30.95 11.33
CA HIS A 475 9.46 -31.47 11.96
C HIS A 475 9.70 -31.93 13.39
CHA HEM B . -3.30 3.99 -3.75
CHB HEM B . -3.24 0.78 0.04
CHC HEM B . 0.58 -1.60 -2.28
CHD HEM B . 0.52 1.67 -5.97
C1A HEM B . -3.60 3.36 -2.55
C2A HEM B . -4.63 3.67 -1.48
C3A HEM B . -4.58 2.73 -0.54
C4A HEM B . -3.55 1.76 -0.90
CMA HEM B . -5.38 2.63 0.79
CAA HEM B . -5.56 4.92 -1.59
CBA HEM B . -6.68 4.76 -2.60
CGA HEM B . -7.65 5.92 -2.38
O1A HEM B . -8.82 5.84 -1.91
O2A HEM B . -7.24 7.02 -2.72
C1B HEM B . -2.16 -0.12 -0.23
C2B HEM B . -1.76 -1.25 0.56
C3B HEM B . -0.75 -1.84 -0.15
C4B HEM B . -0.41 -1.17 -1.34
CMB HEM B . -2.47 -1.69 1.99
CAB HEM B . 0.09 -3.12 0.20
CBB HEM B . -0.12 -3.69 1.35
C1C HEM B . 0.77 -0.87 -3.48
C2C HEM B . 1.65 -1.31 -4.42
C3C HEM B . 1.69 -0.41 -5.47
C4C HEM B . 0.83 0.59 -5.12
CMC HEM B . 2.38 -2.66 -4.17
CAC HEM B . 2.30 -0.27 -6.90
CBC HEM B . 2.37 -1.04 -7.89
C1D HEM B . -0.54 2.44 -5.44
C2D HEM B . -0.85 3.57 -6.21
C3D HEM B . -1.98 4.21 -5.61
C4D HEM B . -2.25 3.44 -4.51
CMD HEM B . -0.32 4.11 -7.57
CAD HEM B . -2.65 5.50 -6.25
CBD HEM B . -4.02 5.07 -6.83
CGD HEM B . -4.71 6.30 -7.40
O1D HEM B . -5.49 6.29 -8.40
O2D HEM B . -4.38 7.35 -6.78
NA HEM B . -2.93 2.21 -2.14
NB HEM B . -1.26 -0.03 -1.44
NC HEM B . 0.23 0.29 -3.86
ND HEM B . -1.41 2.27 -4.27
FE HEM B . -1.35 1.17 -2.91
C4 6RJ C . 4.56 7.29 -0.65
C6 6RJ C . 5.32 9.38 -1.53
C13 6RJ C . 8.83 8.32 -4.29
C20 6RJ C . 1.99 7.78 0.28
C21 6RJ C . 1.13 8.08 1.32
C16 6RJ C . 4.59 6.27 0.36
C19 6RJ C . 1.80 6.63 -0.44
C26 6RJ C . 1.63 3.40 -0.67
C1 6RJ C . 4.48 9.25 -2.63
C2 6RJ C . 3.67 8.15 -2.72
C3 6RJ C . 3.68 7.17 -1.73
C5 6RJ C . 5.38 8.40 -0.56
S7 6RJ C . 6.29 10.84 -1.33
O8 6RJ C . 5.42 11.98 -1.32
O9 6RJ C . 7.19 10.63 -0.24
N10 6RJ C . 7.16 10.90 -2.70
C11 6RJ C . 7.82 9.79 -3.05
N12 6RJ C . 8.17 9.52 -4.27
C14 6RJ C . 8.99 7.71 -3.12
S15 6RJ C . 8.33 8.60 -1.90
N17 6RJ C . 4.58 5.44 1.14
O18 6RJ C . 2.62 6.33 -1.50
C22 6RJ C . 0.11 7.23 1.61
C23 6RJ C . -0.08 6.06 0.92
C24 6RJ C . 0.78 5.73 -0.11
C25 6RJ C . 0.70 4.41 -0.76
N27 6RJ C . 1.12 2.37 -1.33
N28 6RJ C . -0.08 2.65 -1.86
C29 6RJ C . -0.34 3.91 -1.51
CL 6RJ C . -1.00 7.61 2.88
#